data_7O6L
#
_entry.id   7O6L
#
_cell.length_a   38.267
_cell.length_b   54.053
_cell.length_c   46.762
_cell.angle_alpha   90.000
_cell.angle_beta   93.417
_cell.angle_gamma   90.000
#
_symmetry.space_group_name_H-M   'P 1 21 1'
#
loop_
_entity.id
_entity.type
_entity.pdbx_description
1 polymer 'Enhancer of rudimentary homolog 2'
2 water water
#
_entity_poly.entity_id   1
_entity_poly.type   'polypeptide(L)'
_entity_poly.pdbx_seq_one_letter_code
;GPDSMSTSSHTVLLIQTSPRLDSRTWGDYESVTDALDALCKMFEDFLSKKSAAPVTYDVSQVYEFLDKLSDVSMMIFNRE
TGQYIGRTRAWIKQQVYEMMRGR
;
_entity_poly.pdbx_strand_id   A,B
#
# COMPACT_ATOMS: atom_id res chain seq x y z
N THR A 7 13.87 -14.92 8.36
CA THR A 7 14.40 -13.55 8.44
C THR A 7 13.75 -12.64 7.40
N SER A 8 12.91 -13.22 6.55
CA SER A 8 12.18 -12.43 5.56
C SER A 8 11.03 -11.67 6.24
N SER A 9 10.73 -10.50 5.68
CA SER A 9 9.73 -9.61 6.27
C SER A 9 8.69 -9.23 5.22
N HIS A 10 7.41 -9.49 5.51
CA HIS A 10 6.31 -9.12 4.60
C HIS A 10 6.40 -7.64 4.28
N THR A 11 6.31 -7.33 2.98
CA THR A 11 6.51 -5.97 2.48
C THR A 11 5.37 -5.59 1.55
N VAL A 12 4.80 -4.41 1.76
CA VAL A 12 3.82 -3.84 0.83
C VAL A 12 4.53 -2.74 0.06
N LEU A 13 4.50 -2.80 -1.27
CA LEU A 13 5.08 -1.78 -2.13
C LEU A 13 3.94 -0.90 -2.62
N LEU A 14 4.01 0.41 -2.36
CA LEU A 14 3.01 1.38 -2.80
C LEU A 14 3.62 2.21 -3.92
N ILE A 15 2.94 2.27 -5.07
CA ILE A 15 3.45 2.93 -6.26
C ILE A 15 2.39 3.85 -6.84
N GLN A 16 2.81 5.00 -7.37
CA GLN A 16 2.00 5.78 -8.30
C GLN A 16 2.94 6.09 -9.46
N THR A 17 2.69 5.50 -10.62
CA THR A 17 3.68 5.62 -11.69
C THR A 17 3.67 6.99 -12.32
N SER A 18 2.48 7.56 -12.54
CA SER A 18 2.37 8.82 -13.26
C SER A 18 1.56 9.82 -12.44
N PRO A 19 1.40 11.08 -12.90
CA PRO A 19 0.56 12.01 -12.14
C PRO A 19 -0.91 11.58 -12.05
N ARG A 20 -1.34 10.64 -12.89
CA ARG A 20 -2.71 10.14 -12.79
C ARG A 20 -2.93 9.39 -11.48
N LEU A 21 -3.94 9.82 -10.74
CA LEU A 21 -4.37 9.14 -9.53
C LEU A 21 -4.70 7.67 -9.80
N ASP A 22 -5.17 7.35 -11.01
CA ASP A 22 -5.56 5.97 -11.29
C ASP A 22 -4.37 5.10 -11.64
N SER A 23 -3.16 5.64 -11.60
CA SER A 23 -1.93 4.85 -11.74
C SER A 23 -1.40 4.33 -10.41
N ARG A 24 -2.14 4.55 -9.33
CA ARG A 24 -1.75 3.98 -8.05
C ARG A 24 -1.99 2.49 -8.07
N THR A 25 -1.05 1.76 -7.51
CA THR A 25 -1.24 0.34 -7.34
C THR A 25 -0.35 -0.08 -6.18
N TRP A 26 -0.53 -1.32 -5.73
CA TRP A 26 0.30 -1.86 -4.66
C TRP A 26 0.53 -3.34 -4.92
N GLY A 27 1.59 -3.85 -4.29
CA GLY A 27 1.88 -5.28 -4.36
C GLY A 27 2.25 -5.76 -2.97
N ASP A 28 1.97 -7.04 -2.71
CA ASP A 28 2.33 -7.76 -1.47
C ASP A 28 3.51 -8.69 -1.77
N TYR A 29 4.55 -8.65 -0.92
CA TYR A 29 5.74 -9.46 -1.15
C TYR A 29 6.18 -10.19 0.12
N GLU A 30 6.76 -11.36 -0.06
CA GLU A 30 7.18 -12.15 1.10
C GLU A 30 8.41 -11.59 1.77
N SER A 31 9.21 -10.81 1.06
CA SER A 31 10.44 -10.28 1.58
C SER A 31 10.75 -8.95 0.93
N VAL A 32 11.65 -8.21 1.57
CA VAL A 32 12.14 -6.96 1.00
C VAL A 32 12.84 -7.23 -0.33
N THR A 33 13.59 -8.33 -0.42
CA THR A 33 14.28 -8.69 -1.66
C THR A 33 13.30 -8.83 -2.79
N ASP A 34 12.14 -9.44 -2.51
CA ASP A 34 11.18 -9.65 -3.61
C ASP A 34 10.55 -8.32 -4.03
N ALA A 35 10.33 -7.40 -3.08
CA ALA A 35 9.76 -6.10 -3.43
C ALA A 35 10.77 -5.25 -4.20
N LEU A 36 12.04 -5.28 -3.79
CA LEU A 36 13.07 -4.56 -4.50
C LEU A 36 13.22 -5.11 -5.90
N ASP A 37 13.07 -6.44 -6.07
CA ASP A 37 13.22 -6.96 -7.43
C ASP A 37 12.04 -6.59 -8.31
N ALA A 38 10.86 -6.40 -7.72
CA ALA A 38 9.74 -5.87 -8.52
C ALA A 38 10.09 -4.52 -9.10
N LEU A 39 10.79 -3.69 -8.33
CA LEU A 39 11.19 -2.39 -8.86
C LEU A 39 12.27 -2.53 -9.91
N CYS A 40 13.21 -3.45 -9.72
CA CYS A 40 14.22 -3.72 -10.75
C CYS A 40 13.57 -4.21 -12.05
N LYS A 41 12.52 -5.04 -11.95
CA LYS A 41 11.85 -5.51 -13.14
C LYS A 41 11.06 -4.39 -13.81
N MET A 42 10.47 -3.49 -13.02
CA MET A 42 9.81 -2.34 -13.63
C MET A 42 10.80 -1.46 -14.37
N PHE A 43 11.98 -1.24 -13.76
CA PHE A 43 13.00 -0.41 -14.40
C PHE A 43 13.45 -1.04 -15.71
N GLU A 44 13.66 -2.35 -15.72
CA GLU A 44 14.04 -3.04 -16.95
C GLU A 44 12.94 -2.95 -18.00
N ASP A 45 11.69 -3.15 -17.58
CA ASP A 45 10.58 -3.20 -18.52
C ASP A 45 10.30 -1.83 -19.13
N PHE A 46 10.56 -0.76 -18.37
CA PHE A 46 10.52 0.57 -18.97
C PHE A 46 11.58 0.70 -20.05
N LEU A 47 12.77 0.15 -19.81
CA LEU A 47 13.86 0.26 -20.78
C LEU A 47 13.67 -0.66 -21.98
N SER A 48 12.85 -1.69 -21.87
CA SER A 48 12.63 -2.61 -22.98
C SER A 48 12.01 -1.90 -24.17
N VAL A 55 19.84 -4.90 -21.10
CA VAL A 55 20.11 -4.62 -19.70
C VAL A 55 21.47 -3.96 -19.50
N THR A 56 21.72 -2.89 -20.25
CA THR A 56 22.99 -2.16 -20.22
C THR A 56 22.71 -0.72 -19.82
N TYR A 57 23.12 -0.34 -18.60
CA TYR A 57 22.75 0.96 -18.06
C TYR A 57 23.73 1.36 -16.97
N ASP A 58 23.56 2.59 -16.47
CA ASP A 58 24.31 3.15 -15.35
C ASP A 58 23.37 3.44 -14.17
N VAL A 59 23.97 3.52 -12.97
CA VAL A 59 23.20 3.65 -11.73
C VAL A 59 22.39 4.93 -11.75
N SER A 60 22.90 5.99 -12.39
CA SER A 60 22.11 7.22 -12.48
C SER A 60 20.77 6.97 -13.16
N GLN A 61 20.70 5.96 -14.03
CA GLN A 61 19.45 5.64 -14.73
C GLN A 61 18.45 4.92 -13.80
N VAL A 62 18.92 4.03 -12.92
CA VAL A 62 18.01 3.43 -11.92
C VAL A 62 17.45 4.49 -11.00
N TYR A 63 18.30 5.38 -10.50
CA TYR A 63 17.84 6.45 -9.63
C TYR A 63 16.88 7.39 -10.37
N GLU A 64 17.17 7.70 -11.64
CA GLU A 64 16.28 8.56 -12.43
C GLU A 64 14.89 7.95 -12.57
N PHE A 65 14.82 6.65 -12.84
CA PHE A 65 13.53 5.98 -12.92
C PHE A 65 12.78 6.09 -11.60
N LEU A 66 13.45 5.77 -10.50
CA LEU A 66 12.80 5.85 -9.19
C LEU A 66 12.39 7.30 -8.87
N ASP A 67 13.22 8.28 -9.23
CA ASP A 67 12.88 9.68 -8.97
C ASP A 67 11.68 10.14 -9.79
N LYS A 68 11.49 9.60 -10.99
CA LYS A 68 10.42 10.04 -11.88
C LYS A 68 9.06 9.40 -11.56
N LEU A 69 9.03 8.32 -10.77
CA LEU A 69 7.75 7.82 -10.27
C LEU A 69 7.10 8.94 -9.48
N SER A 70 5.78 9.06 -9.62
CA SER A 70 5.07 10.09 -8.83
C SER A 70 5.11 9.79 -7.34
N ASP A 71 5.06 8.52 -6.95
CA ASP A 71 5.22 8.17 -5.55
C ASP A 71 5.77 6.75 -5.50
N VAL A 72 6.61 6.46 -4.51
CA VAL A 72 7.02 5.08 -4.27
C VAL A 72 7.43 4.99 -2.81
N SER A 73 6.91 3.98 -2.11
CA SER A 73 7.26 3.79 -0.72
C SER A 73 7.08 2.32 -0.40
N MET A 74 7.64 1.89 0.72
CA MET A 74 7.40 0.53 1.17
C MET A 74 6.96 0.52 2.63
N MET A 75 6.14 -0.47 2.97
CA MET A 75 5.79 -0.77 4.36
C MET A 75 6.36 -2.14 4.66
N ILE A 76 7.28 -2.22 5.63
CA ILE A 76 8.04 -3.46 5.85
C ILE A 76 7.79 -3.97 7.27
N PHE A 77 7.32 -5.22 7.38
CA PHE A 77 7.01 -5.77 8.69
C PHE A 77 8.27 -5.82 9.55
N ASN A 78 8.13 -5.38 10.80
CA ASN A 78 9.19 -5.36 11.81
C ASN A 78 8.85 -6.35 12.93
N ARG A 79 9.58 -7.48 12.98
CA ARG A 79 9.33 -8.47 14.00
C ARG A 79 9.54 -7.94 15.41
N GLU A 80 10.38 -6.92 15.58
CA GLU A 80 10.64 -6.44 16.94
C GLU A 80 9.40 -5.82 17.56
N THR A 81 8.49 -5.28 16.73
CA THR A 81 7.32 -4.56 17.21
C THR A 81 6.01 -5.15 16.75
N GLY A 82 6.00 -5.98 15.71
CA GLY A 82 4.75 -6.39 15.10
C GLY A 82 4.11 -5.36 14.19
N GLN A 83 4.80 -4.27 13.88
CA GLN A 83 4.25 -3.16 13.13
C GLN A 83 5.08 -2.96 11.87
N TYR A 84 4.63 -2.07 10.99
CA TYR A 84 5.27 -1.85 9.69
C TYR A 84 6.05 -0.54 9.66
N ILE A 85 7.30 -0.61 9.18
CA ILE A 85 8.12 0.59 9.00
C ILE A 85 7.87 1.14 7.62
N GLY A 86 7.55 2.42 7.51
CA GLY A 86 7.43 3.05 6.21
C GLY A 86 8.79 3.49 5.74
N ARG A 87 9.23 3.01 4.58
CA ARG A 87 10.49 3.44 4.04
C ARG A 87 10.22 4.35 2.85
N THR A 88 11.00 5.40 2.75
CA THR A 88 10.81 6.40 1.71
C THR A 88 11.61 6.06 0.46
N ARG A 89 11.32 6.85 -0.58
CA ARG A 89 12.03 6.75 -1.85
C ARG A 89 13.56 6.77 -1.66
N ALA A 90 14.08 7.63 -0.78
CA ALA A 90 15.52 7.76 -0.65
C ALA A 90 16.14 6.47 -0.12
N TRP A 91 15.46 5.84 0.84
CA TRP A 91 15.94 4.57 1.37
C TRP A 91 15.84 3.48 0.32
N ILE A 92 14.74 3.44 -0.44
CA ILE A 92 14.56 2.41 -1.46
C ILE A 92 15.67 2.51 -2.50
N LYS A 93 16.02 3.74 -2.92
CA LYS A 93 17.12 3.90 -3.87
C LYS A 93 18.41 3.27 -3.36
N GLN A 94 18.75 3.50 -2.10
CA GLN A 94 20.00 2.94 -1.58
C GLN A 94 19.94 1.41 -1.54
N GLN A 95 18.76 0.87 -1.25
CA GLN A 95 18.62 -0.59 -1.16
C GLN A 95 18.63 -1.23 -2.53
N VAL A 96 18.02 -0.56 -3.51
CA VAL A 96 18.08 -1.08 -4.88
C VAL A 96 19.54 -1.12 -5.34
N TYR A 97 20.30 -0.06 -5.07
CA TYR A 97 21.71 -0.02 -5.45
C TYR A 97 22.47 -1.17 -4.80
N GLU A 98 22.33 -1.32 -3.48
CA GLU A 98 23.03 -2.40 -2.79
C GLU A 98 22.65 -3.78 -3.31
N MET A 99 21.37 -4.02 -3.62
CA MET A 99 21.03 -5.36 -4.05
C MET A 99 21.53 -5.62 -5.47
N MET A 100 21.48 -4.59 -6.34
CA MET A 100 22.04 -4.76 -7.69
C MET A 100 23.54 -4.94 -7.69
N ARG A 101 24.23 -4.23 -6.80
CA ARG A 101 25.69 -4.31 -6.74
C ARG A 101 26.10 -5.64 -6.15
N GLY A 102 25.33 -6.13 -5.19
CA GLY A 102 25.65 -7.33 -4.47
C GLY A 102 26.00 -6.99 -3.05
N ARG A 103 25.27 -7.53 -2.08
CA ARG A 103 25.49 -7.17 -0.68
C ARG A 103 26.79 -7.74 -0.10
N SER B 8 -5.02 12.90 15.07
CA SER B 8 -5.28 12.22 13.81
C SER B 8 -4.08 11.38 13.40
N SER B 9 -4.34 10.19 12.88
CA SER B 9 -3.31 9.23 12.54
C SER B 9 -3.32 8.98 11.04
N HIS B 10 -2.19 9.24 10.39
CA HIS B 10 -2.04 8.96 8.96
C HIS B 10 -2.43 7.50 8.65
N THR B 11 -3.31 7.34 7.67
CA THR B 11 -3.89 6.03 7.38
C THR B 11 -3.80 5.74 5.89
N VAL B 12 -3.30 4.57 5.54
CA VAL B 12 -3.29 4.08 4.17
C VAL B 12 -4.39 3.05 4.01
N LEU B 13 -5.28 3.27 3.05
CA LEU B 13 -6.35 2.33 2.73
C LEU B 13 -5.92 1.48 1.53
N LEU B 14 -5.83 0.17 1.71
CA LEU B 14 -5.46 -0.76 0.63
C LEU B 14 -6.72 -1.48 0.15
N ILE B 15 -6.99 -1.48 -1.17
CA ILE B 15 -8.19 -2.11 -1.71
C ILE B 15 -7.85 -2.97 -2.94
N GLN B 16 -8.52 -4.12 -3.09
CA GLN B 16 -8.50 -4.88 -4.36
C GLN B 16 -9.95 -5.23 -4.66
N THR B 17 -10.50 -4.68 -5.75
CA THR B 17 -11.93 -4.85 -5.98
C THR B 17 -12.26 -6.21 -6.58
N SER B 18 -11.43 -6.72 -7.50
CA SER B 18 -11.79 -7.97 -8.15
C SER B 18 -10.70 -9.01 -7.92
N PRO B 19 -10.91 -10.26 -8.31
CA PRO B 19 -9.81 -11.25 -8.22
C PRO B 19 -8.60 -10.87 -9.06
N ARG B 20 -8.74 -9.93 -9.98
CA ARG B 20 -7.62 -9.51 -10.81
C ARG B 20 -6.62 -8.77 -9.94
N LEU B 21 -5.35 -9.18 -9.98
CA LEU B 21 -4.34 -8.50 -9.17
C LEU B 21 -4.11 -7.08 -9.65
N ASP B 22 -4.41 -6.78 -10.92
CA ASP B 22 -4.34 -5.41 -11.40
C ASP B 22 -5.55 -4.58 -10.99
N SER B 23 -6.36 -5.06 -10.06
CA SER B 23 -7.43 -4.24 -9.46
C SER B 23 -7.01 -3.65 -8.11
N ARG B 24 -5.74 -3.83 -7.72
CA ARG B 24 -5.24 -3.27 -6.47
C ARG B 24 -5.04 -1.75 -6.57
N THR B 25 -5.69 -0.99 -5.67
CA THR B 25 -5.58 0.47 -5.58
C THR B 25 -5.32 0.89 -4.12
N TRP B 26 -4.88 2.14 -3.88
CA TRP B 26 -4.65 2.62 -2.52
C TRP B 26 -4.93 4.13 -2.41
N GLY B 27 -5.17 4.57 -1.19
CA GLY B 27 -5.29 5.99 -0.89
C GLY B 27 -4.75 6.30 0.48
N ASP B 28 -4.29 7.54 0.66
CA ASP B 28 -3.76 8.01 1.94
C ASP B 28 -4.65 9.09 2.51
N TYR B 29 -4.84 9.06 3.83
CA TYR B 29 -5.80 9.89 4.53
C TYR B 29 -5.16 10.44 5.80
N GLU B 30 -5.57 11.66 6.19
CA GLU B 30 -5.02 12.26 7.40
C GLU B 30 -5.50 11.59 8.67
N SER B 31 -6.59 10.83 8.62
CA SER B 31 -7.13 10.22 9.82
C SER B 31 -7.86 8.94 9.44
N VAL B 32 -8.08 8.09 10.46
CA VAL B 32 -8.90 6.91 10.26
C VAL B 32 -10.32 7.29 9.83
N THR B 33 -10.89 8.32 10.45
CA THR B 33 -12.23 8.73 10.06
C THR B 33 -12.29 9.13 8.58
N ASP B 34 -11.27 9.86 8.08
CA ASP B 34 -11.24 10.20 6.66
C ASP B 34 -11.19 8.95 5.79
N ALA B 35 -10.39 7.96 6.20
CA ALA B 35 -10.29 6.72 5.43
C ALA B 35 -11.63 5.97 5.44
N LEU B 36 -12.27 5.88 6.61
CA LEU B 36 -13.58 5.24 6.69
C LEU B 36 -14.61 5.99 5.85
N ASP B 37 -14.56 7.32 5.86
CA ASP B 37 -15.47 8.10 5.02
C ASP B 37 -15.29 7.74 3.55
N ALA B 38 -14.05 7.61 3.09
CA ALA B 38 -13.80 7.25 1.70
C ALA B 38 -14.34 5.86 1.40
N LEU B 39 -14.18 4.92 2.35
CA LEU B 39 -14.74 3.60 2.16
C LEU B 39 -16.25 3.62 2.08
N CYS B 40 -16.89 4.44 2.93
CA CYS B 40 -18.34 4.50 2.90
C CYS B 40 -18.85 5.13 1.61
N LYS B 41 -18.10 6.07 1.03
CA LYS B 41 -18.51 6.65 -0.26
C LYS B 41 -18.49 5.61 -1.37
N MET B 42 -17.48 4.74 -1.41
CA MET B 42 -17.47 3.64 -2.38
C MET B 42 -18.70 2.78 -2.24
N PHE B 43 -19.14 2.51 -1.01
CA PHE B 43 -20.34 1.71 -0.81
C PHE B 43 -21.58 2.44 -1.32
N GLU B 44 -21.73 3.71 -0.93
CA GLU B 44 -22.91 4.46 -1.34
C GLU B 44 -22.99 4.56 -2.85
N ASP B 45 -21.85 4.76 -3.51
CA ASP B 45 -21.84 4.80 -4.98
C ASP B 45 -22.36 3.50 -5.55
N PHE B 46 -21.87 2.37 -5.04
CA PHE B 46 -22.36 1.08 -5.50
C PHE B 46 -23.87 0.94 -5.25
N LEU B 47 -24.35 1.44 -4.12
CA LEU B 47 -25.78 1.42 -3.82
C LEU B 47 -26.51 2.51 -4.61
N THR B 56 -32.29 4.03 3.45
CA THR B 56 -31.94 3.56 2.12
C THR B 56 -30.98 2.37 2.14
N TYR B 57 -30.33 2.14 3.28
CA TYR B 57 -29.46 0.97 3.43
C TYR B 57 -29.35 0.58 4.89
N ASP B 58 -29.06 -0.70 5.11
CA ASP B 58 -28.82 -1.27 6.42
C ASP B 58 -27.34 -1.62 6.56
N VAL B 59 -26.89 -1.74 7.80
CA VAL B 59 -25.48 -2.05 8.05
C VAL B 59 -25.08 -3.39 7.46
N SER B 60 -26.02 -4.34 7.38
CA SER B 60 -25.70 -5.64 6.80
C SER B 60 -25.26 -5.51 5.35
N GLN B 61 -25.83 -4.56 4.61
CA GLN B 61 -25.44 -4.32 3.23
C GLN B 61 -24.02 -3.78 3.14
N VAL B 62 -23.58 -3.00 4.13
CA VAL B 62 -22.19 -2.54 4.14
C VAL B 62 -21.24 -3.69 4.41
N TYR B 63 -21.59 -4.56 5.37
CA TYR B 63 -20.79 -5.75 5.59
C TYR B 63 -20.64 -6.56 4.30
N GLU B 64 -21.74 -6.73 3.57
CA GLU B 64 -21.72 -7.52 2.35
C GLU B 64 -20.85 -6.87 1.29
N PHE B 65 -20.95 -5.54 1.16
CA PHE B 65 -20.08 -4.82 0.25
C PHE B 65 -18.61 -5.06 0.59
N LEU B 66 -18.28 -5.00 1.88
CA LEU B 66 -16.89 -5.24 2.28
C LEU B 66 -16.49 -6.67 2.02
N ASP B 67 -17.40 -7.63 2.27
CA ASP B 67 -17.08 -9.02 1.98
C ASP B 67 -16.85 -9.26 0.49
N LYS B 68 -17.51 -8.48 -0.38
CA LYS B 68 -17.40 -8.66 -1.83
C LYS B 68 -16.10 -8.13 -2.43
N LEU B 69 -15.40 -7.21 -1.75
CA LEU B 69 -14.06 -6.81 -2.17
C LEU B 69 -13.11 -8.00 -2.06
N SER B 70 -12.22 -8.16 -3.05
CA SER B 70 -11.24 -9.24 -2.92
C SER B 70 -10.27 -9.00 -1.77
N ASP B 71 -9.96 -7.73 -1.47
CA ASP B 71 -9.09 -7.40 -0.34
C ASP B 71 -9.39 -5.98 0.14
N VAL B 72 -9.40 -5.78 1.46
CA VAL B 72 -9.46 -4.44 2.03
C VAL B 72 -8.76 -4.46 3.39
N SER B 73 -7.89 -3.47 3.62
CA SER B 73 -7.18 -3.33 4.88
C SER B 73 -6.70 -1.90 5.07
N MET B 74 -6.27 -1.60 6.29
CA MET B 74 -5.72 -0.28 6.56
C MET B 74 -4.38 -0.43 7.26
N MET B 75 -3.51 0.54 7.00
CA MET B 75 -2.26 0.70 7.75
C MET B 75 -2.34 2.03 8.46
N ILE B 76 -2.29 2.04 9.80
CA ILE B 76 -2.58 3.25 10.59
C ILE B 76 -1.36 3.62 11.40
N PHE B 77 -0.90 4.85 11.25
CA PHE B 77 0.32 5.29 11.90
C PHE B 77 0.12 5.37 13.42
N ASN B 78 1.12 4.87 14.15
CA ASN B 78 1.17 4.84 15.62
C ASN B 78 2.29 5.77 16.09
N ARG B 79 1.92 6.88 16.73
CA ARG B 79 2.94 7.85 17.13
C ARG B 79 3.83 7.36 18.27
N GLU B 80 3.45 6.29 18.97
CA GLU B 80 4.35 5.77 19.99
C GLU B 80 5.59 5.12 19.39
N THR B 81 5.41 4.31 18.34
CA THR B 81 6.50 3.57 17.71
C THR B 81 6.99 4.18 16.41
N GLY B 82 6.26 5.14 15.85
CA GLY B 82 6.60 5.64 14.53
C GLY B 82 6.39 4.65 13.41
N GLN B 83 5.60 3.60 13.63
CA GLN B 83 5.39 2.53 12.67
C GLN B 83 3.87 2.36 12.48
N TYR B 84 3.49 1.55 11.50
CA TYR B 84 2.10 1.41 11.09
C TYR B 84 1.52 0.11 11.58
N ILE B 85 0.33 0.18 12.17
CA ILE B 85 -0.41 -1.01 12.56
C ILE B 85 -1.31 -1.46 11.42
N GLY B 86 -1.19 -2.72 11.03
CA GLY B 86 -2.08 -3.30 10.05
C GLY B 86 -3.40 -3.70 10.67
N ARG B 87 -4.51 -3.25 10.05
CA ARG B 87 -5.85 -3.61 10.51
C ARG B 87 -6.57 -4.39 9.42
N THR B 88 -7.20 -5.50 9.78
CA THR B 88 -7.87 -6.37 8.82
C THR B 88 -9.31 -5.91 8.51
N ARG B 89 -9.91 -6.61 7.53
CA ARG B 89 -11.31 -6.38 7.14
C ARG B 89 -12.25 -6.47 8.33
N ALA B 90 -11.95 -7.38 9.28
CA ALA B 90 -12.85 -7.54 10.44
C ALA B 90 -12.80 -6.31 11.34
N TRP B 91 -11.61 -5.75 11.54
CA TRP B 91 -11.52 -4.51 12.30
C TRP B 91 -12.24 -3.37 11.58
N ILE B 92 -12.19 -3.33 10.24
CA ILE B 92 -12.88 -2.26 9.53
C ILE B 92 -14.40 -2.41 9.68
N LYS B 93 -14.90 -3.65 9.60
CA LYS B 93 -16.32 -3.87 9.84
C LYS B 93 -16.72 -3.40 11.22
N GLN B 94 -15.88 -3.65 12.23
CA GLN B 94 -16.21 -3.17 13.56
C GLN B 94 -16.30 -1.65 13.62
N GLN B 95 -15.41 -0.94 12.91
CA GLN B 95 -15.51 0.53 12.87
C GLN B 95 -16.81 0.98 12.21
N VAL B 96 -17.21 0.31 11.13
CA VAL B 96 -18.47 0.64 10.45
C VAL B 96 -19.64 0.39 11.36
N TYR B 97 -19.60 -0.73 12.10
CA TYR B 97 -20.63 -1.04 13.10
C TYR B 97 -20.75 0.11 14.11
N GLU B 98 -19.61 0.61 14.61
CA GLU B 98 -19.65 1.64 15.63
C GLU B 98 -20.11 3.00 15.08
N MET B 99 -19.92 3.26 13.78
CA MET B 99 -20.36 4.50 13.13
C MET B 99 -21.86 4.52 12.89
N MET B 100 -22.49 3.36 12.77
CA MET B 100 -23.90 3.24 12.43
C MET B 100 -24.70 2.59 13.55
N ARG B 101 -24.28 2.85 14.79
CA ARG B 101 -24.96 2.32 15.96
C ARG B 101 -26.40 2.81 16.01
#